data_7FCZ
#
_entry.id   7FCZ
#
_cell.length_a   42.674
_cell.length_b   101.705
_cell.length_c   129.907
_cell.angle_alpha   90.000
_cell.angle_beta   90.000
_cell.angle_gamma   90.000
#
_symmetry.space_group_name_H-M   'P 21 21 21'
#
loop_
_entity.id
_entity.type
_entity.pdbx_description
1 polymer 'Receptor-interacting serine/threonine-protein kinase 1'
2 non-polymer N-[(3S)-7-(2-cyclopropylethynyl)-5-methyl-4-oxidanylidene-2,3-dihydro-1,5-benzoxazepin-3-yl]-5-(phenylmethyl)-4H-1,2,4-triazole-3-carboxamide
3 water water
#
_entity_poly.entity_id   1
_entity_poly.type   'polypeptide(L)'
_entity_poly.pdbx_seq_one_letter_code
;GASMQPDMSLNVIKMKSSDFLESAELDSGGFGKVSLAFHRTQGLMIMKTVYKGPNCIEHNEALLEEAKMMNRLRHSRVVK
LLGVIIEEGKYSLVMEYMEKGNLMHVLKAEMSTPLSVKGRIILEIIEGMAYLHGKGVIHKDLKPENILVDNDFHIKIADL
GLASFKMWSKLNNEEHNELREVDGTAKKNGGTLYYMAPEHLNDVNAKPTEKSDVYSFAVVLWAIFANKEPYENAIAEQQL
IMAIKSGNRPDVDDITEYCPREIISLMKLCWEANPEARPTFPGIEEKFRPFYLSQLE
;
_entity_poly.pdbx_strand_id   A,B
#
# COMPACT_ATOMS: atom_id res chain seq x y z
N ILE A 13 10.44 3.27 21.06
CA ILE A 13 9.74 2.01 21.30
C ILE A 13 9.34 1.87 22.77
N LYS A 14 10.08 2.50 23.67
CA LYS A 14 9.88 2.28 25.09
C LYS A 14 8.96 3.33 25.68
N MET A 15 7.93 2.88 26.38
CA MET A 15 6.94 3.74 27.01
C MET A 15 6.97 3.54 28.52
N LYS A 16 6.39 4.49 29.23
CA LYS A 16 6.25 4.43 30.68
C LYS A 16 4.77 4.53 31.04
N SER A 17 4.40 3.97 32.20
CA SER A 17 3.02 4.08 32.65
C SER A 17 2.61 5.53 32.84
N SER A 18 3.55 6.41 33.16
CA SER A 18 3.28 7.83 33.29
C SER A 18 2.91 8.49 31.97
N ASP A 19 3.16 7.82 30.84
CA ASP A 19 2.82 8.38 29.54
C ASP A 19 1.32 8.31 29.25
N PHE A 20 0.55 7.66 30.11
CA PHE A 20 -0.88 7.47 29.87
C PHE A 20 -1.69 8.27 30.88
N LEU A 21 -2.76 8.90 30.40
CA LEU A 21 -3.61 9.71 31.25
C LEU A 21 -4.58 8.85 32.05
N GLU A 22 -5.22 7.90 31.38
CA GLU A 22 -6.24 7.07 31.98
C GLU A 22 -6.09 5.64 31.48
N SER A 23 -6.73 4.71 32.19
CA SER A 23 -6.73 3.32 31.77
C SER A 23 -7.88 2.61 32.45
N ALA A 24 -8.50 1.67 31.73
CA ALA A 24 -9.57 0.85 32.26
C ALA A 24 -9.46 -0.54 31.66
N GLU A 25 -9.68 -1.55 32.49
CA GLU A 25 -9.53 -2.92 32.02
C GLU A 25 -10.59 -3.26 30.97
N LEU A 26 -10.19 -4.04 29.99
CA LEU A 26 -11.01 -4.38 28.83
C LEU A 26 -11.17 -5.89 28.77
N ASP A 27 -12.40 -6.34 28.56
CA ASP A 27 -12.72 -7.77 28.48
C ASP A 27 -11.75 -8.53 27.58
N LYS A 33 -6.54 -10.06 30.35
CA LYS A 33 -5.33 -9.52 30.95
C LYS A 33 -4.86 -8.28 30.19
N VAL A 34 -5.83 -7.54 29.64
CA VAL A 34 -5.54 -6.39 28.79
C VAL A 34 -6.37 -5.20 29.29
N SER A 35 -5.96 -4.01 28.84
CA SER A 35 -6.66 -2.78 29.20
C SER A 35 -6.59 -1.79 28.05
N LEU A 36 -7.58 -0.91 27.99
CA LEU A 36 -7.61 0.20 27.06
C LEU A 36 -7.05 1.43 27.78
N ALA A 37 -5.99 2.01 27.22
CA ALA A 37 -5.29 3.12 27.86
C ALA A 37 -5.26 4.33 26.93
N PHE A 38 -5.33 5.51 27.51
CA PHE A 38 -5.36 6.77 26.77
C PHE A 38 -4.02 7.47 26.94
N HIS A 39 -3.23 7.49 25.87
CA HIS A 39 -1.90 8.08 25.85
C HIS A 39 -1.99 9.60 25.78
N ARG A 40 -0.96 10.27 26.32
CA ARG A 40 -0.99 11.73 26.44
C ARG A 40 -1.04 12.41 25.09
N THR A 41 -0.34 11.86 24.11
CA THR A 41 -0.22 12.49 22.80
C THR A 41 -0.72 11.61 21.66
N GLN A 42 -0.50 10.31 21.74
CA GLN A 42 -0.77 9.40 20.63
C GLN A 42 -2.12 8.70 20.73
N GLY A 43 -2.93 8.99 21.74
CA GLY A 43 -4.30 8.52 21.78
C GLY A 43 -4.48 7.13 22.36
N LEU A 44 -5.59 6.51 21.96
CA LEU A 44 -6.02 5.25 22.55
C LEU A 44 -5.15 4.08 22.10
N MET A 45 -4.83 3.20 23.04
CA MET A 45 -4.01 2.03 22.76
C MET A 45 -4.51 0.85 23.57
N ILE A 46 -4.18 -0.35 23.09
CA ILE A 46 -4.42 -1.59 23.82
C ILE A 46 -3.11 -2.03 24.44
N MET A 47 -3.15 -2.34 25.74
CA MET A 47 -1.99 -2.71 26.52
C MET A 47 -2.21 -4.10 27.08
N LYS A 48 -1.22 -4.98 26.97
CA LYS A 48 -1.28 -6.30 27.58
C LYS A 48 -0.03 -6.53 28.40
N THR A 49 -0.20 -6.79 29.69
CA THR A 49 0.92 -7.18 30.54
C THR A 49 1.23 -8.64 30.29
N VAL A 50 2.42 -8.91 29.79
CA VAL A 50 2.85 -10.26 29.44
C VAL A 50 3.40 -10.99 30.66
N TYR A 51 4.15 -10.28 31.50
CA TYR A 51 4.86 -10.91 32.60
C TYR A 51 4.99 -9.94 33.75
N LYS A 52 4.88 -10.47 34.98
CA LYS A 52 5.04 -9.68 36.20
C LYS A 52 5.91 -10.48 37.15
N GLY A 53 7.13 -10.00 37.39
CA GLY A 53 8.06 -10.69 38.29
C GLY A 53 9.51 -10.38 37.99
N ASN A 60 16.80 -9.83 27.77
CA ASN A 60 16.06 -8.61 28.04
C ASN A 60 16.21 -7.62 26.89
N GLU A 61 17.46 -7.27 26.57
CA GLU A 61 17.72 -6.44 25.40
C GLU A 61 17.15 -7.09 24.14
N ALA A 62 17.10 -8.42 24.10
CA ALA A 62 16.47 -9.11 22.98
C ALA A 62 14.99 -8.79 22.86
N LEU A 63 14.31 -8.59 24.01
CA LEU A 63 12.91 -8.18 23.96
C LEU A 63 12.76 -6.81 23.30
N LEU A 64 13.64 -5.87 23.65
CA LEU A 64 13.59 -4.55 23.05
C LEU A 64 13.88 -4.63 21.56
N GLU A 65 14.85 -5.45 21.16
CA GLU A 65 15.18 -5.59 19.75
C GLU A 65 14.02 -6.19 18.96
N GLU A 66 13.41 -7.25 19.52
CA GLU A 66 12.24 -7.84 18.87
C GLU A 66 11.11 -6.84 18.75
N ALA A 67 10.87 -6.06 19.82
CA ALA A 67 9.84 -5.02 19.78
C ALA A 67 10.12 -4.01 18.68
N LYS A 68 11.40 -3.63 18.51
CA LYS A 68 11.75 -2.67 17.47
C LYS A 68 11.49 -3.26 16.08
N MET A 69 11.75 -4.55 15.89
CA MET A 69 11.51 -5.17 14.60
C MET A 69 10.02 -5.25 14.28
N MET A 70 9.19 -5.54 15.29
CA MET A 70 7.75 -5.51 15.09
C MET A 70 7.27 -4.08 14.80
N ASN A 71 7.86 -3.10 15.48
CA ASN A 71 7.53 -1.70 15.23
C ASN A 71 7.83 -1.30 13.79
N ARG A 72 8.82 -1.95 13.16
CA ARG A 72 9.17 -1.65 11.78
C ARG A 72 8.18 -2.23 10.78
N LEU A 73 7.32 -3.16 11.21
CA LEU A 73 6.29 -3.72 10.33
C LEU A 73 5.15 -2.71 10.22
N ARG A 74 5.37 -1.70 9.37
CA ARG A 74 4.48 -0.57 9.22
C ARG A 74 3.73 -0.69 7.90
N HIS A 75 2.44 -1.00 7.99
CA HIS A 75 1.58 -1.14 6.81
C HIS A 75 0.14 -0.93 7.27
N SER A 76 -0.66 -0.36 6.37
CA SER A 76 -2.02 0.05 6.75
C SER A 76 -2.92 -1.11 7.12
N ARG A 77 -2.63 -2.32 6.65
CA ARG A 77 -3.46 -3.48 6.94
C ARG A 77 -2.77 -4.44 7.91
N VAL A 78 -1.81 -3.95 8.70
CA VAL A 78 -1.08 -4.75 9.67
C VAL A 78 -1.02 -3.97 10.98
N VAL A 79 -1.30 -4.65 12.09
CA VAL A 79 -1.25 -4.00 13.40
C VAL A 79 0.18 -3.56 13.69
N LYS A 80 0.33 -2.31 14.13
CA LYS A 80 1.64 -1.77 14.48
C LYS A 80 1.85 -1.90 15.98
N LEU A 81 2.91 -2.59 16.37
CA LEU A 81 3.34 -2.57 17.77
C LEU A 81 3.84 -1.17 18.09
N LEU A 82 3.12 -0.46 18.96
CA LEU A 82 3.43 0.93 19.22
C LEU A 82 4.56 1.09 20.23
N GLY A 83 4.66 0.19 21.20
CA GLY A 83 5.71 0.33 22.19
C GLY A 83 5.64 -0.76 23.23
N VAL A 84 6.62 -0.73 24.13
CA VAL A 84 6.71 -1.66 25.25
C VAL A 84 6.94 -0.88 26.52
N ILE A 85 6.47 -1.44 27.64
CA ILE A 85 6.69 -0.89 28.96
C ILE A 85 7.42 -1.94 29.80
N ILE A 86 8.55 -1.55 30.37
CA ILE A 86 9.35 -2.43 31.22
C ILE A 86 9.62 -1.67 32.51
N GLU A 87 8.85 -1.98 33.56
CA GLU A 87 8.89 -1.23 34.82
C GLU A 87 8.79 -2.19 35.99
N GLU A 88 9.81 -2.19 36.84
CA GLU A 88 9.77 -2.91 38.12
C GLU A 88 9.41 -4.39 37.93
N GLY A 89 9.96 -5.00 36.91
CA GLY A 89 9.69 -6.40 36.62
C GLY A 89 8.38 -6.65 35.89
N LYS A 90 7.68 -5.61 35.47
CA LYS A 90 6.41 -5.74 34.76
C LYS A 90 6.63 -5.42 33.29
N TYR A 91 6.28 -6.37 32.42
CA TYR A 91 6.53 -6.27 30.99
C TYR A 91 5.20 -6.23 30.23
N SER A 92 5.03 -5.21 29.40
CA SER A 92 3.77 -5.02 28.69
C SER A 92 4.01 -4.63 27.24
N LEU A 93 3.14 -5.13 26.36
CA LEU A 93 3.11 -4.75 24.96
C LEU A 93 1.99 -3.74 24.72
N VAL A 94 2.22 -2.79 23.81
CA VAL A 94 1.27 -1.73 23.51
C VAL A 94 1.04 -1.69 22.01
N MET A 95 -0.22 -1.75 21.59
CA MET A 95 -0.56 -1.84 20.17
C MET A 95 -1.74 -0.92 19.85
N GLU A 96 -2.03 -0.81 18.56
CA GLU A 96 -3.14 0.03 18.09
C GLU A 96 -4.48 -0.51 18.56
N TYR A 97 -5.42 0.42 18.76
CA TYR A 97 -6.76 0.08 19.23
C TYR A 97 -7.69 -0.08 18.03
N MET A 98 -8.33 -1.24 17.93
CA MET A 98 -9.23 -1.58 16.82
C MET A 98 -10.63 -1.77 17.38
N GLU A 99 -11.50 -0.79 17.12
CA GLU A 99 -12.70 -0.61 17.95
C GLU A 99 -13.69 -1.77 17.83
N LYS A 100 -13.81 -2.36 16.65
CA LYS A 100 -14.88 -3.34 16.42
C LYS A 100 -14.46 -4.77 16.71
N GLY A 101 -13.32 -4.98 17.36
CA GLY A 101 -12.92 -6.33 17.68
C GLY A 101 -12.43 -7.08 16.45
N ASN A 102 -12.59 -8.39 16.47
CA ASN A 102 -12.06 -9.21 15.40
C ASN A 102 -13.10 -9.42 14.31
N LEU A 103 -12.68 -10.12 13.24
CA LEU A 103 -13.50 -10.25 12.05
C LEU A 103 -14.78 -11.04 12.33
N MET A 104 -14.67 -12.13 13.10
CA MET A 104 -15.85 -12.96 13.35
C MET A 104 -16.88 -12.22 14.19
N HIS A 105 -16.42 -11.40 15.14
CA HIS A 105 -17.34 -10.53 15.87
C HIS A 105 -18.15 -9.66 14.92
N VAL A 106 -17.46 -9.07 13.93
CA VAL A 106 -18.13 -8.20 12.97
C VAL A 106 -19.06 -8.99 12.06
N LEU A 107 -18.60 -10.18 11.62
CA LEU A 107 -19.42 -10.99 10.72
C LEU A 107 -20.75 -11.37 11.36
N LYS A 108 -20.73 -11.64 12.67
CA LYS A 108 -21.94 -12.05 13.38
C LYS A 108 -22.76 -10.86 13.88
N ALA A 109 -22.35 -9.64 13.60
CA ALA A 109 -23.10 -8.46 14.02
C ALA A 109 -24.51 -8.46 13.42
N SER A 112 -25.29 -6.26 9.43
CA SER A 112 -24.90 -7.09 8.32
C SER A 112 -23.96 -6.34 7.38
N THR A 113 -22.90 -7.01 6.96
CA THR A 113 -21.83 -6.37 6.22
C THR A 113 -22.10 -6.40 4.72
N PRO A 114 -22.09 -5.25 4.05
CA PRO A 114 -22.37 -5.23 2.60
C PRO A 114 -21.34 -6.02 1.81
N LEU A 115 -21.75 -6.51 0.65
CA LEU A 115 -20.86 -7.27 -0.22
C LEU A 115 -19.61 -6.47 -0.58
N SER A 116 -19.79 -5.17 -0.88
CA SER A 116 -18.65 -4.35 -1.23
C SER A 116 -17.67 -4.19 -0.07
N VAL A 117 -18.16 -4.28 1.16
CA VAL A 117 -17.27 -4.23 2.30
C VAL A 117 -16.57 -5.57 2.50
N LYS A 118 -17.29 -6.68 2.30
CA LYS A 118 -16.65 -7.99 2.37
C LYS A 118 -15.56 -8.13 1.31
N GLY A 119 -15.81 -7.61 0.11
CA GLY A 119 -14.79 -7.63 -0.92
C GLY A 119 -13.58 -6.79 -0.56
N ARG A 120 -13.81 -5.60 0.00
CA ARG A 120 -12.71 -4.75 0.44
C ARG A 120 -11.91 -5.42 1.56
N ILE A 121 -12.59 -6.09 2.48
CA ILE A 121 -11.91 -6.78 3.57
C ILE A 121 -10.97 -7.84 3.02
N ILE A 122 -11.45 -8.63 2.06
CA ILE A 122 -10.62 -9.66 1.44
C ILE A 122 -9.39 -9.03 0.81
N LEU A 123 -9.59 -7.94 0.06
CA LEU A 123 -8.46 -7.27 -0.57
C LEU A 123 -7.48 -6.73 0.46
N GLU A 124 -7.99 -6.25 1.60
CA GLU A 124 -7.10 -5.73 2.63
C GLU A 124 -6.34 -6.84 3.34
N ILE A 125 -6.96 -8.01 3.51
CA ILE A 125 -6.21 -9.18 4.00
C ILE A 125 -5.07 -9.50 3.03
N ILE A 126 -5.37 -9.51 1.74
CA ILE A 126 -4.37 -9.83 0.73
C ILE A 126 -3.21 -8.85 0.79
N GLU A 127 -3.53 -7.55 0.87
CA GLU A 127 -2.49 -6.52 0.96
C GLU A 127 -1.59 -6.74 2.17
N GLY A 128 -2.20 -6.92 3.35
CA GLY A 128 -1.42 -7.07 4.56
C GLY A 128 -0.56 -8.32 4.55
N MET A 129 -1.11 -9.43 4.07
CA MET A 129 -0.35 -10.68 4.02
C MET A 129 0.78 -10.59 3.00
N ALA A 130 0.54 -9.94 1.87
CA ALA A 130 1.61 -9.73 0.90
C ALA A 130 2.73 -8.89 1.48
N TYR A 131 2.39 -7.87 2.28
CA TYR A 131 3.41 -7.08 2.95
C TYR A 131 4.23 -7.94 3.90
N LEU A 132 3.54 -8.70 4.76
CA LEU A 132 4.24 -9.53 5.74
C LEU A 132 5.15 -10.54 5.05
N HIS A 133 4.65 -11.22 4.02
CA HIS A 133 5.48 -12.17 3.28
C HIS A 133 6.66 -11.46 2.61
N GLY A 134 6.42 -10.27 2.05
CA GLY A 134 7.50 -9.51 1.45
C GLY A 134 8.61 -9.18 2.43
N LYS A 135 8.26 -9.03 3.71
CA LYS A 135 9.24 -8.81 4.76
C LYS A 135 9.80 -10.11 5.33
N GLY A 136 9.42 -11.26 4.78
CA GLY A 136 9.88 -12.53 5.28
C GLY A 136 9.15 -13.05 6.49
N VAL A 137 7.96 -12.51 6.78
CA VAL A 137 7.19 -12.87 7.97
C VAL A 137 6.07 -13.81 7.55
N ILE A 138 6.17 -15.08 7.96
CA ILE A 138 5.09 -16.04 7.80
C ILE A 138 4.23 -15.97 9.05
N HIS A 139 2.92 -15.77 8.87
CA HIS A 139 2.06 -15.55 10.03
C HIS A 139 1.90 -16.83 10.85
N LYS A 140 1.60 -17.94 10.18
CA LYS A 140 1.42 -19.29 10.71
C LYS A 140 0.12 -19.51 11.48
N ASP A 141 -0.60 -18.45 11.86
CA ASP A 141 -1.86 -18.63 12.59
C ASP A 141 -2.88 -17.60 12.12
N LEU A 142 -3.03 -17.47 10.81
CA LEU A 142 -4.03 -16.58 10.25
C LEU A 142 -5.42 -17.14 10.48
N LYS A 143 -6.33 -16.30 10.96
CA LYS A 143 -7.68 -16.71 11.35
C LYS A 143 -8.46 -15.45 11.72
N PRO A 144 -9.80 -15.53 11.72
CA PRO A 144 -10.60 -14.31 11.99
C PRO A 144 -10.26 -13.62 13.31
N GLU A 145 -9.83 -14.36 14.32
CA GLU A 145 -9.52 -13.73 15.60
C GLU A 145 -8.26 -12.88 15.54
N ASN A 146 -7.42 -13.08 14.52
CA ASN A 146 -6.25 -12.25 14.29
C ASN A 146 -6.45 -11.22 13.20
N ILE A 147 -7.69 -11.00 12.78
CA ILE A 147 -8.04 -9.96 11.81
C ILE A 147 -8.93 -8.97 12.53
N LEU A 148 -8.38 -7.81 12.88
CA LEU A 148 -9.07 -6.82 13.68
C LEU A 148 -9.69 -5.75 12.78
N VAL A 149 -10.82 -5.22 13.22
CA VAL A 149 -11.66 -4.33 12.41
C VAL A 149 -11.78 -3.00 13.12
N ASP A 150 -11.52 -1.91 12.40
CA ASP A 150 -11.61 -0.59 13.01
C ASP A 150 -13.02 -0.02 12.87
N ASN A 151 -13.20 1.22 13.34
CA ASN A 151 -14.52 1.83 13.40
C ASN A 151 -15.14 1.95 12.01
N ASP A 152 -14.33 2.02 10.95
CA ASP A 152 -14.81 2.21 9.59
C ASP A 152 -14.75 0.93 8.75
N PHE A 153 -14.70 -0.23 9.40
CA PHE A 153 -14.72 -1.55 8.77
C PHE A 153 -13.49 -1.80 7.89
N HIS A 154 -12.38 -1.11 8.15
CA HIS A 154 -11.09 -1.51 7.61
C HIS A 154 -10.42 -2.47 8.59
N ILE A 155 -9.51 -3.28 8.07
CA ILE A 155 -8.94 -4.35 8.88
C ILE A 155 -7.43 -4.17 9.02
N LYS A 156 -6.90 -4.83 10.05
CA LYS A 156 -5.47 -4.97 10.25
C LYS A 156 -5.20 -6.39 10.75
N ILE A 157 -4.08 -6.95 10.35
CA ILE A 157 -3.69 -8.30 10.73
C ILE A 157 -2.87 -8.24 12.02
N ALA A 158 -3.22 -9.08 12.98
CA ALA A 158 -2.58 -9.11 14.29
C ALA A 158 -1.98 -10.49 14.54
N ASP A 159 -1.22 -10.58 15.64
CA ASP A 159 -0.60 -11.82 16.10
C ASP A 159 -0.85 -11.94 17.60
N LEU A 160 -2.12 -12.10 17.97
CA LEU A 160 -2.50 -12.04 19.38
C LEU A 160 -2.02 -13.26 20.16
N GLY A 161 -1.74 -14.37 19.49
CA GLY A 161 -1.16 -15.53 20.14
C GLY A 161 0.35 -15.51 20.23
N LEU A 162 0.99 -14.42 19.79
CA LEU A 162 2.44 -14.26 19.86
C LEU A 162 3.17 -15.36 19.08
N ALA A 163 2.59 -15.76 17.95
CA ALA A 163 3.23 -16.80 17.13
C ALA A 163 4.51 -16.30 16.49
N SER A 164 4.58 -15.01 16.15
CA SER A 164 5.80 -14.41 15.61
C SER A 164 6.63 -13.70 16.68
N PHE A 165 6.03 -13.37 17.83
CA PHE A 165 6.73 -12.76 18.96
C PHE A 165 7.50 -13.83 19.73
N LYS A 166 8.62 -14.26 19.14
CA LYS A 166 9.38 -15.37 19.73
C LYS A 166 9.87 -15.03 21.14
N MET A 167 10.61 -13.92 21.28
CA MET A 167 11.20 -13.59 22.56
C MET A 167 10.15 -13.20 23.59
N TRP A 168 9.12 -12.46 23.17
CA TRP A 168 8.10 -12.05 24.13
C TRP A 168 7.19 -13.21 24.52
N SER A 169 6.96 -14.15 23.61
CA SER A 169 6.24 -15.37 23.99
C SER A 169 7.01 -16.14 25.04
N LYS A 170 8.34 -16.12 24.97
CA LYS A 170 9.17 -16.86 25.90
C LYS A 170 9.08 -16.33 27.33
N LEU A 171 8.59 -15.09 27.52
CA LEU A 171 8.39 -14.59 28.87
C LEU A 171 7.42 -15.48 29.66
N ASN A 172 6.52 -16.16 28.98
CA ASN A 172 5.59 -17.08 29.62
C ASN A 172 5.89 -18.52 29.24
N GLY A 191 -7.36 -23.31 20.72
CA GLY A 191 -6.43 -23.63 19.66
C GLY A 191 -7.12 -24.16 18.41
N THR A 192 -7.69 -23.25 17.64
CA THR A 192 -8.46 -23.63 16.47
C THR A 192 -7.54 -24.23 15.40
N LEU A 193 -7.89 -25.41 14.92
CA LEU A 193 -7.21 -26.07 13.82
C LEU A 193 -7.96 -25.94 12.50
N TYR A 194 -9.10 -25.26 12.50
CA TYR A 194 -9.92 -25.15 11.29
C TYR A 194 -9.20 -24.45 10.16
N TYR A 195 -8.28 -23.54 10.48
CA TYR A 195 -7.59 -22.73 9.49
C TYR A 195 -6.19 -23.22 9.20
N MET A 196 -5.78 -24.33 9.83
CA MET A 196 -4.43 -24.83 9.70
C MET A 196 -4.31 -25.73 8.49
N ALA A 197 -3.26 -25.51 7.69
CA ALA A 197 -3.05 -26.28 6.49
C ALA A 197 -2.82 -27.75 6.82
N PRO A 198 -3.29 -28.66 5.96
CA PRO A 198 -3.15 -30.10 6.28
C PRO A 198 -1.72 -30.57 6.41
N GLU A 199 -0.74 -29.90 5.78
CA GLU A 199 0.64 -30.31 5.94
C GLU A 199 1.18 -30.02 7.34
N HIS A 200 0.45 -29.23 8.13
CA HIS A 200 0.81 -29.01 9.53
C HIS A 200 -0.01 -29.85 10.48
N LEU A 201 -1.21 -30.27 10.08
CA LEU A 201 -1.99 -31.21 10.87
C LEU A 201 -1.21 -32.52 11.00
N ASN A 202 -0.98 -32.93 12.25
CA ASN A 202 -0.25 -34.16 12.58
C ASN A 202 1.20 -34.14 12.08
N ASP A 203 1.77 -32.96 11.83
CA ASP A 203 3.21 -32.81 11.57
C ASP A 203 3.62 -31.42 12.05
N VAL A 204 4.05 -31.35 13.31
CA VAL A 204 4.43 -30.09 13.92
C VAL A 204 5.89 -29.72 13.64
N ASN A 205 6.62 -30.54 12.90
CA ASN A 205 8.01 -30.24 12.60
C ASN A 205 8.21 -29.61 11.23
N ALA A 206 7.29 -29.82 10.30
CA ALA A 206 7.38 -29.20 8.99
C ALA A 206 7.41 -27.68 9.12
N LYS A 207 8.30 -27.05 8.37
CA LYS A 207 8.45 -25.60 8.47
C LYS A 207 7.34 -24.91 7.69
N PRO A 208 6.65 -23.93 8.30
CA PRO A 208 5.61 -23.21 7.58
C PRO A 208 6.17 -22.32 6.49
N THR A 209 5.39 -22.13 5.44
CA THR A 209 5.77 -21.32 4.29
C THR A 209 4.66 -20.33 3.98
N GLU A 210 4.88 -19.53 2.93
CA GLU A 210 3.84 -18.60 2.48
C GLU A 210 2.54 -19.34 2.16
N LYS A 211 2.65 -20.54 1.59
CA LYS A 211 1.47 -21.30 1.22
C LYS A 211 0.69 -21.80 2.42
N SER A 212 1.33 -21.92 3.59
CA SER A 212 0.60 -22.22 4.81
C SER A 212 -0.44 -21.14 5.10
N ASP A 213 -0.04 -19.88 4.97
CA ASP A 213 -0.97 -18.78 5.20
C ASP A 213 -2.03 -18.69 4.12
N VAL A 214 -1.71 -19.09 2.89
CA VAL A 214 -2.68 -19.04 1.81
C VAL A 214 -3.83 -20.01 2.08
N TYR A 215 -3.52 -21.20 2.62
CA TYR A 215 -4.58 -22.11 3.01
C TYR A 215 -5.49 -21.49 4.05
N SER A 216 -4.90 -20.88 5.09
CA SER A 216 -5.70 -20.25 6.14
C SER A 216 -6.59 -19.16 5.55
N PHE A 217 -6.06 -18.42 4.57
CA PHE A 217 -6.83 -17.37 3.90
C PHE A 217 -8.07 -17.94 3.21
N ALA A 218 -7.94 -19.11 2.59
CA ALA A 218 -9.08 -19.73 1.92
C ALA A 218 -10.22 -20.00 2.90
N VAL A 219 -9.90 -20.51 4.09
CA VAL A 219 -10.94 -20.80 5.07
C VAL A 219 -11.53 -19.50 5.62
N VAL A 220 -10.72 -18.45 5.72
CA VAL A 220 -11.25 -17.14 6.12
C VAL A 220 -12.25 -16.64 5.09
N LEU A 221 -11.96 -16.84 3.80
CA LEU A 221 -12.91 -16.47 2.75
C LEU A 221 -14.25 -17.15 2.97
N TRP A 222 -14.24 -18.46 3.22
CA TRP A 222 -15.47 -19.19 3.49
C TRP A 222 -16.22 -18.58 4.66
N ALA A 223 -15.49 -18.29 5.75
CA ALA A 223 -16.12 -17.73 6.94
C ALA A 223 -16.73 -16.36 6.66
N ILE A 224 -16.12 -15.57 5.78
CA ILE A 224 -16.60 -14.21 5.53
C ILE A 224 -17.99 -14.24 4.92
N PHE A 225 -18.27 -15.22 4.05
CA PHE A 225 -19.58 -15.32 3.45
C PHE A 225 -20.51 -16.29 4.19
N ALA A 226 -19.96 -17.28 4.89
CA ALA A 226 -20.80 -18.13 5.71
C ALA A 226 -21.27 -17.41 6.97
N ASN A 227 -20.51 -16.40 7.43
CA ASN A 227 -20.80 -15.64 8.65
C ASN A 227 -20.71 -16.52 9.91
N LYS A 228 -19.86 -17.55 9.88
CA LYS A 228 -19.74 -18.46 11.01
C LYS A 228 -18.45 -19.26 10.88
N GLU A 229 -18.05 -19.86 12.00
CA GLU A 229 -16.90 -20.75 11.99
C GLU A 229 -17.24 -22.03 11.21
N PRO A 230 -16.26 -22.66 10.57
CA PRO A 230 -16.53 -23.83 9.74
C PRO A 230 -16.66 -25.10 10.58
N TYR A 231 -17.00 -26.19 9.89
CA TYR A 231 -17.09 -27.52 10.46
C TYR A 231 -17.99 -27.58 11.70
N GLN A 238 -9.98 -35.86 16.23
CA GLN A 238 -9.20 -36.81 15.46
C GLN A 238 -9.87 -37.14 14.13
N GLN A 239 -11.18 -37.42 14.19
CA GLN A 239 -11.92 -37.74 12.98
C GLN A 239 -11.91 -36.57 12.00
N LEU A 240 -12.09 -35.35 12.51
CA LEU A 240 -12.06 -34.18 11.63
C LEU A 240 -10.67 -33.96 11.05
N ILE A 241 -9.63 -34.14 11.86
CA ILE A 241 -8.26 -33.91 11.38
C ILE A 241 -7.93 -34.83 10.22
N MET A 242 -8.17 -36.13 10.39
CA MET A 242 -7.89 -37.07 9.32
C MET A 242 -8.78 -36.80 8.11
N ALA A 243 -10.03 -36.39 8.35
CA ALA A 243 -10.91 -36.02 7.25
C ALA A 243 -10.33 -34.85 6.47
N ILE A 244 -9.83 -33.82 7.17
CA ILE A 244 -9.25 -32.67 6.51
C ILE A 244 -7.98 -33.06 5.76
N LYS A 245 -7.10 -33.83 6.42
CA LYS A 245 -5.87 -34.26 5.77
C LYS A 245 -6.16 -35.10 4.52
N SER A 246 -7.32 -35.73 4.47
CA SER A 246 -7.72 -36.54 3.32
C SER A 246 -8.38 -35.71 2.22
N GLY A 247 -8.69 -34.45 2.46
CA GLY A 247 -9.25 -33.58 1.45
C GLY A 247 -10.56 -32.92 1.81
N ASN A 248 -11.11 -33.13 3.00
CA ASN A 248 -12.35 -32.48 3.37
C ASN A 248 -12.12 -31.00 3.67
N ARG A 249 -13.09 -30.18 3.31
CA ARG A 249 -12.99 -28.72 3.41
C ARG A 249 -14.32 -28.18 3.95
N PRO A 250 -14.39 -26.91 4.35
CA PRO A 250 -15.70 -26.34 4.71
C PRO A 250 -16.68 -26.48 3.55
N ASP A 251 -17.94 -26.74 3.88
CA ASP A 251 -18.93 -26.99 2.84
C ASP A 251 -19.38 -25.67 2.24
N VAL A 252 -19.07 -25.47 0.96
CA VAL A 252 -19.49 -24.28 0.23
C VAL A 252 -21.01 -24.18 0.20
N ASP A 253 -21.70 -25.31 0.14
CA ASP A 253 -23.16 -25.31 0.07
C ASP A 253 -23.81 -24.75 1.33
N ASP A 254 -23.07 -24.60 2.42
CA ASP A 254 -23.61 -24.00 3.65
C ASP A 254 -23.48 -22.48 3.67
N ILE A 255 -22.84 -21.89 2.67
CA ILE A 255 -22.98 -20.45 2.45
C ILE A 255 -24.38 -20.19 1.90
N THR A 256 -25.17 -19.39 2.62
CA THR A 256 -26.54 -19.15 2.22
C THR A 256 -26.75 -17.79 1.56
N GLU A 257 -25.91 -16.81 1.86
CA GLU A 257 -26.01 -15.50 1.25
C GLU A 257 -25.27 -15.47 -0.08
N TYR A 258 -25.60 -14.48 -0.91
CA TYR A 258 -24.98 -14.37 -2.22
C TYR A 258 -23.46 -14.26 -2.08
N CYS A 259 -22.75 -15.04 -2.90
CA CYS A 259 -21.30 -15.03 -2.93
C CYS A 259 -20.88 -15.12 -4.38
N PRO A 260 -20.02 -14.22 -4.85
CA PRO A 260 -19.59 -14.27 -6.25
C PRO A 260 -18.87 -15.58 -6.57
N ARG A 261 -19.05 -16.04 -7.81
CA ARG A 261 -18.37 -17.26 -8.26
C ARG A 261 -16.86 -17.13 -8.13
N GLU A 262 -16.32 -15.95 -8.46
CA GLU A 262 -14.87 -15.75 -8.41
C GLU A 262 -14.34 -16.02 -7.01
N ILE A 263 -15.09 -15.66 -5.97
CA ILE A 263 -14.64 -15.87 -4.60
C ILE A 263 -14.78 -17.35 -4.21
N ILE A 264 -15.83 -18.02 -4.68
CA ILE A 264 -15.94 -19.46 -4.49
C ILE A 264 -14.75 -20.16 -5.11
N SER A 265 -14.39 -19.77 -6.33
CA SER A 265 -13.26 -20.40 -7.01
C SER A 265 -11.94 -20.11 -6.28
N LEU A 266 -11.80 -18.89 -5.74
CA LEU A 266 -10.56 -18.52 -5.08
C LEU A 266 -10.32 -19.39 -3.83
N MET A 267 -11.35 -19.56 -3.00
CA MET A 267 -11.16 -20.33 -1.77
C MET A 267 -10.86 -21.79 -2.08
N LYS A 268 -11.48 -22.34 -3.13
CA LYS A 268 -11.16 -23.71 -3.53
C LYS A 268 -9.72 -23.82 -4.01
N LEU A 269 -9.27 -22.84 -4.80
CA LEU A 269 -7.89 -22.83 -5.26
C LEU A 269 -6.92 -22.73 -4.08
N CYS A 270 -7.21 -21.84 -3.13
CA CYS A 270 -6.26 -21.57 -2.06
C CYS A 270 -6.23 -22.66 -1.00
N TRP A 271 -7.26 -23.51 -0.89
CA TRP A 271 -7.22 -24.60 0.07
C TRP A 271 -6.95 -25.95 -0.60
N GLU A 272 -6.30 -25.94 -1.77
CA GLU A 272 -5.78 -27.17 -2.35
C GLU A 272 -4.87 -27.87 -1.35
N ALA A 273 -5.00 -29.19 -1.27
CA ALA A 273 -4.18 -29.96 -0.32
C ALA A 273 -2.70 -29.83 -0.62
N ASN A 274 -2.34 -29.71 -1.90
CA ASN A 274 -0.94 -29.58 -2.31
C ASN A 274 -0.55 -28.11 -2.22
N PRO A 275 0.39 -27.73 -1.35
CA PRO A 275 0.73 -26.32 -1.20
C PRO A 275 1.28 -25.68 -2.47
N GLU A 276 1.94 -26.45 -3.33
CA GLU A 276 2.48 -25.89 -4.56
C GLU A 276 1.39 -25.56 -5.57
N ALA A 277 0.19 -26.13 -5.42
CA ALA A 277 -0.95 -25.76 -6.25
C ALA A 277 -1.60 -24.46 -5.81
N ARG A 278 -1.20 -23.91 -4.66
CA ARG A 278 -1.76 -22.68 -4.14
C ARG A 278 -0.98 -21.47 -4.66
N PRO A 279 -1.68 -20.37 -4.93
CA PRO A 279 -0.99 -19.15 -5.38
C PRO A 279 -0.29 -18.46 -4.22
N THR A 280 0.56 -17.50 -4.58
CA THR A 280 1.09 -16.57 -3.59
C THR A 280 0.10 -15.42 -3.41
N PHE A 281 0.30 -14.65 -2.35
CA PHE A 281 -0.61 -13.53 -2.13
C PHE A 281 -0.46 -12.46 -3.20
N PRO A 282 0.77 -12.14 -3.66
CA PRO A 282 0.87 -11.27 -4.85
C PRO A 282 0.13 -11.82 -6.06
N GLY A 283 0.15 -13.15 -6.25
CA GLY A 283 -0.63 -13.74 -7.32
C GLY A 283 -2.13 -13.55 -7.12
N ILE A 284 -2.58 -13.68 -5.87
CA ILE A 284 -3.99 -13.47 -5.56
C ILE A 284 -4.39 -12.02 -5.84
N GLU A 285 -3.56 -11.08 -5.39
CA GLU A 285 -3.89 -9.67 -5.58
C GLU A 285 -4.00 -9.31 -7.06
N GLU A 286 -3.12 -9.88 -7.89
CA GLU A 286 -3.14 -9.60 -9.32
C GLU A 286 -4.49 -9.95 -9.94
N LYS A 287 -5.14 -11.01 -9.44
CA LYS A 287 -6.44 -11.43 -9.95
C LYS A 287 -7.59 -10.77 -9.19
N PHE A 288 -7.46 -10.61 -7.88
CA PHE A 288 -8.60 -10.16 -7.10
C PHE A 288 -8.84 -8.66 -7.24
N ARG A 289 -7.78 -7.85 -7.27
CA ARG A 289 -7.97 -6.40 -7.34
C ARG A 289 -8.79 -5.97 -8.56
N PRO A 290 -8.46 -6.41 -9.79
CA PRO A 290 -9.35 -6.05 -10.92
C PRO A 290 -10.77 -6.52 -10.73
N PHE A 291 -10.96 -7.71 -10.14
CA PHE A 291 -12.31 -8.20 -9.86
C PHE A 291 -13.04 -7.27 -8.91
N TYR A 292 -12.40 -6.90 -7.80
CA TYR A 292 -13.01 -5.97 -6.85
C TYR A 292 -13.33 -4.64 -7.51
N LEU A 293 -12.39 -4.12 -8.31
CA LEU A 293 -12.57 -2.79 -8.90
C LEU A 293 -13.72 -2.74 -9.88
N SER A 294 -13.91 -3.81 -10.66
CA SER A 294 -14.91 -3.77 -11.71
C SER A 294 -16.28 -4.28 -11.26
N GLN A 295 -16.33 -5.18 -10.28
CA GLN A 295 -17.59 -5.82 -9.90
C GLN A 295 -18.08 -5.46 -8.50
N LEU A 296 -17.19 -5.09 -7.58
CA LEU A 296 -17.60 -4.98 -6.18
C LEU A 296 -17.48 -3.59 -5.58
N GLU A 297 -16.41 -2.85 -5.88
CA GLU A 297 -16.12 -1.60 -5.17
C GLU A 297 -17.29 -0.61 -5.18
N LEU B 10 14.43 -12.20 -18.69
CA LEU B 10 14.14 -11.04 -19.52
C LEU B 10 12.88 -11.22 -20.35
N ASN B 11 12.50 -12.47 -20.61
CA ASN B 11 11.28 -12.73 -21.37
C ASN B 11 10.06 -12.10 -20.70
N VAL B 12 10.13 -11.84 -19.40
CA VAL B 12 9.02 -11.24 -18.66
C VAL B 12 8.67 -9.85 -19.20
N ILE B 13 9.63 -9.16 -19.82
CA ILE B 13 9.41 -7.81 -20.30
C ILE B 13 9.52 -7.70 -21.82
N LYS B 14 9.65 -8.82 -22.53
CA LYS B 14 9.78 -8.79 -23.98
C LYS B 14 8.39 -8.83 -24.62
N MET B 15 8.08 -7.83 -25.42
CA MET B 15 6.85 -7.77 -26.18
C MET B 15 7.16 -7.70 -27.67
N LYS B 16 6.19 -8.13 -28.48
CA LYS B 16 6.31 -8.12 -29.92
C LYS B 16 5.19 -7.25 -30.51
N SER B 17 5.45 -6.68 -31.69
CA SER B 17 4.39 -5.98 -32.39
C SER B 17 3.20 -6.89 -32.65
N SER B 18 3.46 -8.18 -32.89
CA SER B 18 2.39 -9.15 -33.09
C SER B 18 1.57 -9.41 -31.84
N ASP B 19 2.06 -9.01 -30.65
CA ASP B 19 1.25 -9.11 -29.45
C ASP B 19 0.10 -8.12 -29.44
N PHE B 20 0.14 -7.12 -30.32
CA PHE B 20 -0.86 -6.06 -30.36
C PHE B 20 -1.68 -6.19 -31.64
N LEU B 21 -2.95 -5.86 -31.54
CA LEU B 21 -3.83 -5.98 -32.69
C LEU B 21 -3.71 -4.78 -33.62
N GLU B 22 -3.42 -3.61 -33.07
CA GLU B 22 -3.28 -2.37 -33.85
C GLU B 22 -2.74 -1.29 -32.93
N SER B 23 -2.24 -0.22 -33.54
CA SER B 23 -1.74 0.92 -32.80
C SER B 23 -1.70 2.13 -33.72
N ALA B 24 -1.76 3.32 -33.12
CA ALA B 24 -1.75 4.54 -33.91
C ALA B 24 -1.03 5.66 -33.16
N GLU B 25 -0.32 6.49 -33.92
CA GLU B 25 0.40 7.61 -33.34
C GLU B 25 -0.55 8.67 -32.80
N LEU B 26 -0.19 9.27 -31.68
CA LEU B 26 -0.93 10.35 -31.08
C LEU B 26 -0.22 11.68 -31.33
N ASP B 27 -0.96 12.76 -31.14
CA ASP B 27 -0.38 14.10 -31.25
C ASP B 27 0.25 14.52 -29.92
N PHE B 31 6.23 12.69 -23.66
CA PHE B 31 6.05 13.22 -25.00
C PHE B 31 6.94 12.47 -25.99
N GLY B 32 7.07 12.98 -27.22
CA GLY B 32 7.76 12.26 -28.25
C GLY B 32 6.84 11.34 -29.02
N LYS B 33 7.39 10.27 -29.59
CA LYS B 33 6.62 9.36 -30.43
C LYS B 33 5.79 8.43 -29.54
N VAL B 34 4.61 8.90 -29.16
CA VAL B 34 3.70 8.16 -28.29
C VAL B 34 2.54 7.63 -29.11
N SER B 35 2.14 6.38 -28.84
CA SER B 35 1.05 5.75 -29.57
C SER B 35 0.15 4.99 -28.60
N LEU B 36 -1.10 4.80 -29.02
CA LEU B 36 -2.09 4.02 -28.28
C LEU B 36 -2.28 2.68 -28.99
N ALA B 37 -2.24 1.60 -28.22
CA ALA B 37 -2.25 0.26 -28.79
C ALA B 37 -3.14 -0.65 -27.95
N PHE B 38 -3.75 -1.63 -28.62
CA PHE B 38 -4.55 -2.65 -27.94
C PHE B 38 -3.79 -3.97 -27.94
N HIS B 39 -3.43 -4.43 -26.75
CA HIS B 39 -2.77 -5.71 -26.58
C HIS B 39 -3.79 -6.85 -26.69
N ARG B 40 -3.40 -7.94 -27.34
CA ARG B 40 -4.35 -9.01 -27.65
C ARG B 40 -5.03 -9.55 -26.40
N THR B 41 -4.28 -9.68 -25.30
CA THR B 41 -4.85 -10.23 -24.08
C THR B 41 -4.88 -9.27 -22.90
N GLN B 42 -4.04 -8.23 -22.88
CA GLN B 42 -3.92 -7.37 -21.71
C GLN B 42 -4.59 -6.02 -21.85
N GLY B 43 -5.14 -5.68 -23.01
CA GLY B 43 -5.92 -4.46 -23.15
C GLY B 43 -5.13 -3.26 -23.61
N LEU B 44 -5.72 -2.08 -23.39
CA LEU B 44 -5.19 -0.84 -23.93
C LEU B 44 -3.89 -0.45 -23.26
N MET B 45 -2.91 -0.04 -24.07
CA MET B 45 -1.60 0.33 -23.57
C MET B 45 -1.10 1.57 -24.28
N ILE B 46 -0.22 2.30 -23.60
CA ILE B 46 0.49 3.42 -24.17
C ILE B 46 1.92 2.98 -24.47
N MET B 47 2.43 3.42 -25.62
CA MET B 47 3.72 3.00 -26.13
C MET B 47 4.54 4.27 -26.40
N LYS B 48 5.79 4.29 -25.96
CA LYS B 48 6.69 5.39 -26.28
C LYS B 48 7.89 4.84 -27.04
N THR B 49 8.19 5.44 -28.18
CA THR B 49 9.15 4.90 -29.14
C THR B 49 10.20 5.92 -29.51
N VAL B 50 11.44 5.45 -29.69
CA VAL B 50 12.56 6.27 -30.14
C VAL B 50 13.30 5.50 -31.24
N TYR B 51 13.76 6.22 -32.26
CA TYR B 51 14.51 5.60 -33.35
C TYR B 51 16.00 5.78 -33.13
N LYS B 52 16.74 4.69 -33.20
CA LYS B 52 18.20 4.69 -33.08
C LYS B 52 18.91 4.12 -34.31
N GLY B 53 18.27 3.22 -35.05
CA GLY B 53 18.90 2.58 -36.18
C GLY B 53 19.80 1.42 -35.76
N HIS B 59 23.96 -4.11 -26.23
CA HIS B 59 23.37 -2.82 -25.91
C HIS B 59 21.89 -2.97 -25.59
N ASN B 60 21.22 -3.81 -26.39
CA ASN B 60 19.81 -4.08 -26.16
C ASN B 60 19.59 -4.88 -24.88
N GLU B 61 20.56 -5.70 -24.49
CA GLU B 61 20.42 -6.51 -23.27
C GLU B 61 20.45 -5.63 -22.02
N ALA B 62 21.27 -4.58 -22.04
CA ALA B 62 21.27 -3.63 -20.93
C ALA B 62 19.92 -2.91 -20.82
N LEU B 63 19.33 -2.55 -21.97
CA LEU B 63 18.00 -1.96 -21.96
C LEU B 63 16.97 -2.92 -21.40
N LEU B 64 17.07 -4.20 -21.75
CA LEU B 64 16.09 -5.19 -21.32
C LEU B 64 16.17 -5.43 -19.82
N GLU B 65 17.38 -5.44 -19.26
CA GLU B 65 17.56 -5.60 -17.83
C GLU B 65 16.99 -4.42 -17.06
N GLU B 66 17.24 -3.21 -17.55
CA GLU B 66 16.66 -2.02 -16.91
C GLU B 66 15.15 -2.12 -16.89
N ALA B 67 14.55 -2.58 -17.99
CA ALA B 67 13.11 -2.79 -18.02
C ALA B 67 12.68 -3.84 -17.00
N LYS B 68 13.42 -4.96 -16.93
CA LYS B 68 13.12 -5.99 -15.95
C LYS B 68 13.13 -5.43 -14.54
N MET B 69 14.12 -4.59 -14.22
CA MET B 69 14.20 -3.98 -12.90
C MET B 69 12.96 -3.14 -12.60
N MET B 70 12.61 -2.24 -13.52
CA MET B 70 11.44 -1.39 -13.33
C MET B 70 10.17 -2.22 -13.18
N ASN B 71 10.09 -3.33 -13.91
CA ASN B 71 8.92 -4.20 -13.87
C ASN B 71 8.73 -4.85 -12.50
N ARG B 72 9.77 -4.85 -11.66
CA ARG B 72 9.67 -5.38 -10.31
C ARG B 72 9.02 -4.41 -9.32
N LEU B 73 8.82 -3.15 -9.71
CA LEU B 73 8.11 -2.19 -8.88
C LEU B 73 6.62 -2.48 -9.03
N ARG B 74 6.06 -3.24 -8.08
CA ARG B 74 4.72 -3.77 -8.20
C ARG B 74 3.90 -3.34 -6.99
N HIS B 75 3.00 -2.40 -7.22
CA HIS B 75 2.20 -1.78 -6.16
C HIS B 75 1.00 -1.13 -6.84
N SER B 76 -0.13 -1.15 -6.13
CA SER B 76 -1.39 -0.71 -6.74
C SER B 76 -1.37 0.76 -7.13
N ARG B 77 -0.52 1.58 -6.51
CA ARG B 77 -0.47 3.01 -6.78
C ARG B 77 0.80 3.43 -7.52
N VAL B 78 1.48 2.48 -8.16
CA VAL B 78 2.69 2.75 -8.91
C VAL B 78 2.56 2.13 -10.29
N VAL B 79 2.94 2.89 -11.33
CA VAL B 79 2.90 2.36 -12.68
C VAL B 79 3.81 1.15 -12.79
N LYS B 80 3.27 0.07 -13.34
CA LYS B 80 4.05 -1.14 -13.60
C LYS B 80 4.43 -1.14 -15.08
N LEU B 81 5.72 -0.99 -15.37
CA LEU B 81 6.19 -1.18 -16.72
C LEU B 81 5.81 -2.57 -17.19
N LEU B 82 5.07 -2.64 -18.29
CA LEU B 82 4.56 -3.92 -18.76
C LEU B 82 5.55 -4.66 -19.65
N GLY B 83 6.33 -3.93 -20.43
CA GLY B 83 7.29 -4.57 -21.31
C GLY B 83 7.86 -3.57 -22.28
N VAL B 84 8.76 -4.08 -23.12
CA VAL B 84 9.46 -3.27 -24.12
C VAL B 84 9.47 -4.01 -25.45
N ILE B 85 9.62 -3.24 -26.51
CA ILE B 85 9.69 -3.76 -27.88
C ILE B 85 10.96 -3.21 -28.53
N ILE B 86 11.76 -4.10 -29.11
CA ILE B 86 12.98 -3.71 -29.81
C ILE B 86 12.93 -4.35 -31.19
N GLU B 87 12.66 -3.54 -32.22
CA GLU B 87 12.50 -4.01 -33.59
C GLU B 87 12.98 -2.94 -34.55
N GLU B 88 13.73 -3.35 -35.57
CA GLU B 88 14.09 -2.52 -36.72
C GLU B 88 14.70 -1.17 -36.31
N GLY B 89 15.57 -1.20 -35.31
CA GLY B 89 16.16 0.04 -34.82
C GLY B 89 15.18 0.95 -34.13
N LYS B 90 14.01 0.45 -33.75
CA LYS B 90 12.97 1.23 -33.08
C LYS B 90 12.71 0.62 -31.71
N TYR B 91 12.79 1.45 -30.67
CA TYR B 91 12.80 1.00 -29.29
C TYR B 91 11.59 1.55 -28.54
N SER B 92 10.82 0.68 -27.90
CA SER B 92 9.56 1.07 -27.28
C SER B 92 9.48 0.64 -25.82
N LEU B 93 8.93 1.52 -24.99
CA LEU B 93 8.45 1.19 -23.65
C LEU B 93 6.93 1.10 -23.69
N VAL B 94 6.38 0.19 -22.88
CA VAL B 94 4.94 -0.09 -22.91
C VAL B 94 4.38 -0.07 -21.49
N MET B 95 3.25 0.61 -21.30
CA MET B 95 2.58 0.69 -20.02
C MET B 95 1.07 0.70 -20.23
N GLU B 96 0.34 0.48 -19.13
CA GLU B 96 -1.12 0.48 -19.16
C GLU B 96 -1.65 1.90 -19.40
N TYR B 97 -2.72 1.99 -20.18
CA TYR B 97 -3.32 3.27 -20.53
C TYR B 97 -4.16 3.81 -19.37
N MET B 98 -3.90 5.05 -18.97
CA MET B 98 -4.62 5.72 -17.88
C MET B 98 -5.52 6.76 -18.53
N GLU B 99 -6.82 6.45 -18.62
CA GLU B 99 -7.70 7.17 -19.56
C GLU B 99 -7.93 8.61 -19.15
N LYS B 100 -7.95 8.93 -17.86
CA LYS B 100 -8.24 10.31 -17.45
C LYS B 100 -7.03 11.22 -17.50
N GLY B 101 -5.87 10.74 -17.97
CA GLY B 101 -4.71 11.58 -18.03
C GLY B 101 -4.09 11.80 -16.65
N ASN B 102 -3.44 12.95 -16.48
CA ASN B 102 -2.71 13.22 -15.26
C ASN B 102 -3.56 14.02 -14.27
N LEU B 103 -2.99 14.21 -13.08
CA LEU B 103 -3.73 14.77 -11.96
C LEU B 103 -4.17 16.20 -12.22
N MET B 104 -3.29 17.03 -12.80
CA MET B 104 -3.66 18.43 -13.03
C MET B 104 -4.73 18.55 -14.11
N HIS B 105 -4.67 17.70 -15.15
CA HIS B 105 -5.73 17.65 -16.14
C HIS B 105 -7.07 17.38 -15.47
N VAL B 106 -7.10 16.45 -14.51
CA VAL B 106 -8.34 16.12 -13.82
C VAL B 106 -8.76 17.25 -12.89
N LEU B 107 -7.81 17.85 -12.17
CA LEU B 107 -8.13 18.93 -11.24
C LEU B 107 -8.78 20.11 -11.96
N LYS B 108 -8.38 20.38 -13.20
CA LYS B 108 -8.91 21.48 -13.97
C LYS B 108 -10.14 21.10 -14.79
N ALA B 109 -10.67 19.89 -14.61
CA ALA B 109 -11.83 19.45 -15.36
C ALA B 109 -13.06 20.27 -14.97
N GLU B 110 -14.06 20.26 -15.86
CA GLU B 110 -15.31 20.96 -15.59
C GLU B 110 -15.97 20.41 -14.32
N MET B 111 -16.09 19.08 -14.24
CA MET B 111 -16.55 18.48 -13.00
C MET B 111 -15.59 18.83 -11.87
N SER B 112 -16.12 19.33 -10.76
CA SER B 112 -15.31 19.72 -9.61
C SER B 112 -15.14 18.49 -8.72
N THR B 113 -13.91 18.00 -8.65
CA THR B 113 -13.61 16.78 -7.90
C THR B 113 -13.89 16.99 -6.42
N PRO B 114 -14.69 16.14 -5.78
CA PRO B 114 -15.08 16.36 -4.40
C PRO B 114 -13.98 16.02 -3.40
N LEU B 115 -14.22 16.45 -2.16
CA LEU B 115 -13.21 16.36 -1.10
C LEU B 115 -12.86 14.91 -0.77
N SER B 116 -13.87 14.03 -0.73
CA SER B 116 -13.61 12.63 -0.43
C SER B 116 -12.67 12.00 -1.46
N VAL B 117 -12.80 12.41 -2.72
CA VAL B 117 -11.94 11.86 -3.77
C VAL B 117 -10.54 12.45 -3.68
N LYS B 118 -10.45 13.77 -3.47
CA LYS B 118 -9.13 14.40 -3.33
C LYS B 118 -8.38 13.81 -2.14
N GLY B 119 -9.09 13.53 -1.04
CA GLY B 119 -8.43 12.91 0.09
C GLY B 119 -7.90 11.52 -0.20
N ARG B 120 -8.66 10.74 -0.97
CA ARG B 120 -8.19 9.41 -1.35
C ARG B 120 -6.99 9.49 -2.28
N ILE B 121 -7.04 10.41 -3.25
CA ILE B 121 -5.90 10.63 -4.14
C ILE B 121 -4.64 10.93 -3.34
N ILE B 122 -4.77 11.78 -2.33
CA ILE B 122 -3.62 12.13 -1.49
C ILE B 122 -3.08 10.88 -0.79
N LEU B 123 -3.96 10.08 -0.21
CA LEU B 123 -3.54 8.88 0.50
C LEU B 123 -2.88 7.89 -0.45
N GLU B 124 -3.38 7.78 -1.68
CA GLU B 124 -2.79 6.84 -2.62
C GLU B 124 -1.42 7.32 -3.11
N ILE B 125 -1.25 8.64 -3.29
CA ILE B 125 0.07 9.17 -3.58
C ILE B 125 1.04 8.81 -2.47
N ILE B 126 0.59 8.97 -1.21
CA ILE B 126 1.44 8.64 -0.06
C ILE B 126 1.81 7.16 -0.09
N GLU B 127 0.83 6.28 -0.34
CA GLU B 127 1.09 4.85 -0.39
C GLU B 127 2.13 4.53 -1.48
N GLY B 128 1.96 5.12 -2.67
CA GLY B 128 2.88 4.85 -3.75
C GLY B 128 4.29 5.31 -3.45
N MET B 129 4.42 6.52 -2.90
CA MET B 129 5.76 7.05 -2.59
C MET B 129 6.41 6.26 -1.45
N ALA B 130 5.62 5.81 -0.48
CA ALA B 130 6.18 4.99 0.59
C ALA B 130 6.73 3.68 0.03
N TYR B 131 6.01 3.07 -0.91
CA TYR B 131 6.51 1.85 -1.55
C TYR B 131 7.81 2.13 -2.29
N LEU B 132 7.85 3.20 -3.09
CA LEU B 132 9.03 3.49 -3.90
C LEU B 132 10.25 3.73 -3.02
N HIS B 133 10.11 4.57 -1.99
CA HIS B 133 11.22 4.79 -1.07
C HIS B 133 11.60 3.50 -0.36
N GLY B 134 10.60 2.68 0.00
CA GLY B 134 10.90 1.39 0.60
C GLY B 134 11.73 0.49 -0.28
N LYS B 135 11.62 0.65 -1.60
CA LYS B 135 12.43 -0.10 -2.55
C LYS B 135 13.73 0.61 -2.92
N GLY B 136 14.09 1.66 -2.19
CA GLY B 136 15.30 2.39 -2.50
C GLY B 136 15.20 3.31 -3.70
N VAL B 137 13.98 3.61 -4.15
CA VAL B 137 13.76 4.43 -5.34
C VAL B 137 13.43 5.85 -4.91
N ILE B 138 14.30 6.79 -5.29
CA ILE B 138 13.99 8.22 -5.20
C ILE B 138 13.34 8.63 -6.51
N HIS B 139 12.21 9.33 -6.43
CA HIS B 139 11.52 9.70 -7.66
C HIS B 139 12.26 10.81 -8.40
N LYS B 140 12.54 11.92 -7.69
CA LYS B 140 13.32 13.06 -8.19
C LYS B 140 12.51 14.02 -9.06
N ASP B 141 11.36 13.59 -9.58
CA ASP B 141 10.53 14.49 -10.37
C ASP B 141 9.05 14.21 -10.11
N LEU B 142 8.68 14.12 -8.84
CA LEU B 142 7.27 14.00 -8.49
C LEU B 142 6.57 15.33 -8.77
N LYS B 143 5.43 15.25 -9.44
CA LYS B 143 4.67 16.42 -9.89
C LYS B 143 3.35 15.90 -10.46
N PRO B 144 2.33 16.77 -10.57
CA PRO B 144 1.02 16.29 -11.03
C PRO B 144 1.06 15.59 -12.37
N GLU B 145 1.98 15.98 -13.26
CA GLU B 145 2.07 15.33 -14.57
C GLU B 145 2.46 13.87 -14.46
N ASN B 146 3.14 13.48 -13.37
CA ASN B 146 3.55 12.10 -13.16
C ASN B 146 2.60 11.32 -12.26
N ILE B 147 1.43 11.89 -11.97
CA ILE B 147 0.39 11.21 -11.20
C ILE B 147 -0.78 10.98 -12.15
N LEU B 148 -0.96 9.73 -12.55
CA LEU B 148 -1.93 9.37 -13.57
C LEU B 148 -3.21 8.82 -12.94
N VAL B 149 -4.34 9.09 -13.59
CA VAL B 149 -5.67 8.84 -13.02
C VAL B 149 -6.43 7.90 -13.95
N ASP B 150 -7.03 6.86 -13.39
CA ASP B 150 -7.81 5.92 -14.17
C ASP B 150 -9.29 6.27 -14.08
N ASN B 151 -10.15 5.42 -14.66
CA ASN B 151 -11.56 5.74 -14.83
C ASN B 151 -12.35 5.71 -13.52
N ASP B 152 -11.84 5.05 -12.49
CA ASP B 152 -12.48 5.05 -11.18
C ASP B 152 -11.82 6.03 -10.23
N PHE B 153 -11.01 6.95 -10.76
CA PHE B 153 -10.31 8.00 -10.01
C PHE B 153 -9.27 7.46 -9.05
N HIS B 154 -8.75 6.26 -9.28
CA HIS B 154 -7.56 5.80 -8.60
C HIS B 154 -6.33 6.30 -9.34
N ILE B 155 -5.22 6.45 -8.63
CA ILE B 155 -4.03 7.05 -9.21
C ILE B 155 -2.87 6.06 -9.19
N LYS B 156 -1.88 6.34 -10.03
CA LYS B 156 -0.61 5.61 -10.06
C LYS B 156 0.51 6.62 -10.30
N ILE B 157 1.65 6.38 -9.65
CA ILE B 157 2.80 7.26 -9.78
C ILE B 157 3.66 6.77 -10.95
N ALA B 158 3.98 7.69 -11.85
CA ALA B 158 4.71 7.39 -13.07
C ALA B 158 6.04 8.12 -13.10
N ASP B 159 6.84 7.80 -14.12
CA ASP B 159 8.11 8.47 -14.39
C ASP B 159 8.18 8.74 -15.89
N LEU B 160 7.27 9.59 -16.37
CA LEU B 160 7.15 9.82 -17.81
C LEU B 160 8.35 10.54 -18.40
N GLY B 161 9.08 11.31 -17.59
CA GLY B 161 10.32 11.92 -18.01
C GLY B 161 11.54 11.03 -17.93
N LEU B 162 11.37 9.79 -17.48
CA LEU B 162 12.42 8.79 -17.46
C LEU B 162 13.57 9.17 -16.54
N ALA B 163 13.26 9.87 -15.43
CA ALA B 163 14.31 10.32 -14.52
C ALA B 163 14.99 9.14 -13.83
N SER B 164 14.30 8.00 -13.70
CA SER B 164 14.86 6.83 -13.05
C SER B 164 15.29 5.75 -14.03
N PHE B 165 15.06 5.95 -15.33
CA PHE B 165 15.49 5.02 -16.39
C PHE B 165 16.82 5.51 -16.94
N LYS B 166 17.93 4.98 -16.41
CA LYS B 166 19.24 5.47 -16.87
C LYS B 166 19.46 5.20 -18.36
N MET B 167 19.32 3.95 -18.78
CA MET B 167 19.62 3.58 -20.16
C MET B 167 18.58 4.15 -21.12
N TRP B 168 17.30 3.96 -20.81
CA TRP B 168 16.25 4.40 -21.72
C TRP B 168 16.17 5.92 -21.82
N SER B 169 16.54 6.63 -20.76
CA SER B 169 16.64 8.09 -20.86
C SER B 169 17.75 8.49 -21.85
N LYS B 170 18.88 7.77 -21.81
CA LYS B 170 19.98 8.09 -22.71
C LYS B 170 19.61 7.83 -24.17
N LEU B 171 18.72 6.88 -24.43
CA LEU B 171 18.27 6.62 -25.80
C LEU B 171 17.63 7.87 -26.41
N ASN B 172 16.96 8.68 -25.60
CA ASN B 172 16.33 9.92 -26.08
C ASN B 172 17.38 11.01 -26.17
N ASN B 173 18.26 10.85 -27.16
CA ASN B 173 19.35 11.78 -27.41
C ASN B 173 19.92 11.57 -28.81
N GLY B 191 10.47 21.18 -18.13
CA GLY B 191 10.61 20.75 -16.75
C GLY B 191 10.24 21.83 -15.75
N THR B 192 9.03 21.72 -15.19
CA THR B 192 8.57 22.70 -14.23
C THR B 192 9.44 22.68 -12.98
N LEU B 193 9.67 23.87 -12.41
CA LEU B 193 10.42 24.01 -11.17
C LEU B 193 9.51 24.19 -9.96
N TYR B 194 8.19 24.22 -10.16
CA TYR B 194 7.26 24.50 -9.07
C TYR B 194 7.34 23.45 -7.97
N TYR B 195 7.69 22.21 -8.31
CA TYR B 195 7.65 21.09 -7.39
C TYR B 195 9.04 20.65 -6.95
N MET B 196 10.07 21.39 -7.34
CA MET B 196 11.44 21.02 -7.05
C MET B 196 11.87 21.59 -5.71
N ALA B 197 12.54 20.76 -4.91
CA ALA B 197 13.00 21.20 -3.60
C ALA B 197 14.00 22.34 -3.73
N PRO B 198 13.98 23.30 -2.80
CA PRO B 198 14.91 24.45 -2.92
C PRO B 198 16.37 24.06 -3.01
N GLU B 199 16.78 22.98 -2.33
CA GLU B 199 18.17 22.56 -2.36
C GLU B 199 18.62 22.14 -3.76
N HIS B 200 17.68 21.79 -4.64
CA HIS B 200 18.00 21.41 -6.01
C HIS B 200 17.80 22.52 -7.02
N LEU B 201 17.21 23.64 -6.62
CA LEU B 201 17.13 24.78 -7.53
C LEU B 201 18.54 25.27 -7.84
N ASN B 202 18.91 25.16 -9.12
CA ASN B 202 20.23 25.50 -9.68
C ASN B 202 21.30 24.48 -9.36
N ASP B 203 20.94 23.30 -8.83
CA ASP B 203 21.94 22.22 -8.65
C ASP B 203 21.19 20.89 -8.78
N VAL B 204 20.88 20.53 -10.03
CA VAL B 204 20.12 19.32 -10.33
C VAL B 204 20.96 18.05 -10.29
N ASN B 205 22.28 18.17 -10.12
CA ASN B 205 23.15 17.01 -10.06
C ASN B 205 23.56 16.66 -8.64
N ALA B 206 23.07 17.40 -7.65
CA ALA B 206 23.26 17.01 -6.25
C ALA B 206 22.63 15.65 -6.02
N LYS B 207 23.13 14.93 -5.02
CA LYS B 207 22.60 13.61 -4.73
C LYS B 207 21.11 13.70 -4.45
N PRO B 208 20.29 12.87 -5.08
CA PRO B 208 18.86 12.88 -4.77
C PRO B 208 18.60 12.27 -3.41
N THR B 209 17.58 12.77 -2.72
CA THR B 209 17.23 12.27 -1.40
C THR B 209 15.74 12.04 -1.32
N GLU B 210 15.35 11.20 -0.35
CA GLU B 210 13.93 10.97 -0.08
C GLU B 210 13.23 12.25 0.30
N LYS B 211 13.91 13.16 1.00
CA LYS B 211 13.31 14.42 1.40
C LYS B 211 13.06 15.34 0.21
N SER B 212 13.80 15.16 -0.89
CA SER B 212 13.50 15.89 -2.11
C SER B 212 12.08 15.59 -2.59
N ASP B 213 11.69 14.31 -2.54
CA ASP B 213 10.35 13.91 -2.96
C ASP B 213 9.28 14.45 -2.02
N VAL B 214 9.56 14.46 -0.72
CA VAL B 214 8.58 14.94 0.25
C VAL B 214 8.23 16.38 -0.02
N TYR B 215 9.21 17.20 -0.39
CA TYR B 215 8.92 18.58 -0.76
C TYR B 215 7.98 18.64 -1.96
N SER B 216 8.29 17.88 -3.02
CA SER B 216 7.42 17.84 -4.19
C SER B 216 6.00 17.49 -3.80
N PHE B 217 5.84 16.51 -2.90
CA PHE B 217 4.53 16.10 -2.43
C PHE B 217 3.79 17.26 -1.77
N ALA B 218 4.51 18.06 -0.97
CA ALA B 218 3.89 19.21 -0.31
C ALA B 218 3.24 20.15 -1.32
N VAL B 219 3.93 20.44 -2.42
CA VAL B 219 3.38 21.34 -3.43
C VAL B 219 2.24 20.67 -4.18
N VAL B 220 2.32 19.36 -4.39
CA VAL B 220 1.21 18.65 -5.02
C VAL B 220 -0.04 18.74 -4.15
N LEU B 221 0.13 18.61 -2.82
CA LEU B 221 -0.98 18.78 -1.88
C LEU B 221 -1.68 20.12 -2.11
N TRP B 222 -0.89 21.20 -2.13
CA TRP B 222 -1.44 22.53 -2.35
C TRP B 222 -2.22 22.58 -3.66
N ALA B 223 -1.62 22.05 -4.73
CA ALA B 223 -2.27 22.09 -6.04
C ALA B 223 -3.59 21.33 -6.04
N ILE B 224 -3.65 20.22 -5.29
CA ILE B 224 -4.87 19.41 -5.26
C ILE B 224 -6.05 20.23 -4.75
N PHE B 225 -5.79 21.12 -3.79
CA PHE B 225 -6.87 21.93 -3.24
C PHE B 225 -7.05 23.25 -3.97
N ALA B 226 -5.99 23.79 -4.55
CA ALA B 226 -6.10 25.02 -5.33
C ALA B 226 -6.67 24.78 -6.73
N ASN B 227 -6.66 23.53 -7.20
CA ASN B 227 -7.06 23.18 -8.57
C ASN B 227 -6.22 23.92 -9.60
N LYS B 228 -4.97 24.23 -9.29
CA LYS B 228 -4.15 25.03 -10.20
C LYS B 228 -2.69 24.93 -9.80
N GLU B 229 -1.83 25.41 -10.70
CA GLU B 229 -0.41 25.50 -10.43
C GLU B 229 -0.13 26.64 -9.44
N PRO B 230 0.92 26.51 -8.64
CA PRO B 230 1.29 27.59 -7.72
C PRO B 230 2.00 28.73 -8.44
N TYR B 231 2.14 29.85 -7.72
CA TYR B 231 3.03 30.95 -8.09
C TYR B 231 2.55 31.71 -9.32
N GLU B 232 1.23 31.88 -9.46
CA GLU B 232 0.70 32.53 -10.66
C GLU B 232 1.13 33.99 -10.77
N ASN B 233 1.47 34.64 -9.66
CA ASN B 233 1.85 36.05 -9.70
C ASN B 233 3.34 36.26 -9.90
N ALA B 234 4.11 35.20 -10.11
CA ALA B 234 5.52 35.35 -10.42
C ALA B 234 5.69 35.98 -11.81
N ILE B 235 6.69 36.84 -11.94
CA ILE B 235 6.96 37.54 -13.19
C ILE B 235 8.13 36.93 -13.93
N ALA B 236 9.20 36.55 -13.22
CA ALA B 236 10.42 36.07 -13.85
C ALA B 236 10.89 34.78 -13.19
N GLU B 237 11.51 33.92 -14.00
CA GLU B 237 12.01 32.64 -13.47
C GLU B 237 13.06 32.88 -12.37
N GLN B 238 13.93 33.86 -12.56
CA GLN B 238 14.95 34.15 -11.56
C GLN B 238 14.34 34.68 -10.28
N GLN B 239 13.28 35.49 -10.40
CA GLN B 239 12.55 35.95 -9.22
C GLN B 239 12.02 34.75 -8.43
N LEU B 240 11.40 33.80 -9.12
CA LEU B 240 10.77 32.68 -8.45
C LEU B 240 11.79 31.77 -7.79
N ILE B 241 12.88 31.45 -8.51
CA ILE B 241 13.91 30.57 -7.95
C ILE B 241 14.48 31.17 -6.68
N MET B 242 14.88 32.45 -6.74
CA MET B 242 15.44 33.11 -5.57
C MET B 242 14.41 33.20 -4.46
N ALA B 243 13.15 33.49 -4.80
CA ALA B 243 12.10 33.56 -3.79
C ALA B 243 11.94 32.24 -3.05
N ILE B 244 11.89 31.14 -3.81
CA ILE B 244 11.71 29.83 -3.20
C ILE B 244 12.91 29.46 -2.33
N LYS B 245 14.12 29.74 -2.82
CA LYS B 245 15.31 29.45 -2.03
C LYS B 245 15.35 30.28 -0.74
N SER B 246 14.75 31.47 -0.76
CA SER B 246 14.70 32.31 0.43
C SER B 246 13.58 31.93 1.39
N GLY B 247 12.71 30.99 1.02
CA GLY B 247 11.64 30.55 1.89
C GLY B 247 10.24 30.79 1.36
N ASN B 248 10.08 31.40 0.19
CA ASN B 248 8.75 31.61 -0.40
C ASN B 248 8.10 30.26 -0.72
N ARG B 249 6.79 30.17 -0.49
CA ARG B 249 6.04 28.93 -0.67
C ARG B 249 4.70 29.21 -1.35
N PRO B 250 4.00 28.20 -1.85
CA PRO B 250 2.68 28.44 -2.45
C PRO B 250 1.75 29.19 -1.50
N ASP B 251 0.88 30.01 -2.09
CA ASP B 251 0.00 30.90 -1.32
C ASP B 251 -1.06 30.08 -0.61
N VAL B 252 -0.96 29.99 0.72
CA VAL B 252 -1.92 29.21 1.49
C VAL B 252 -3.30 29.87 1.49
N ASP B 253 -3.35 31.20 1.33
CA ASP B 253 -4.63 31.89 1.36
C ASP B 253 -5.55 31.49 0.20
N ASP B 254 -5.00 30.88 -0.86
CA ASP B 254 -5.82 30.42 -1.97
C ASP B 254 -6.59 29.14 -1.65
N ILE B 255 -6.30 28.47 -0.55
CA ILE B 255 -6.89 27.17 -0.25
C ILE B 255 -7.56 27.10 1.11
N THR B 256 -7.56 28.18 1.89
CA THR B 256 -8.04 28.08 3.27
C THR B 256 -9.54 27.78 3.35
N GLU B 257 -10.32 28.24 2.37
CA GLU B 257 -11.76 28.03 2.40
C GLU B 257 -12.18 26.67 1.84
N TYR B 258 -11.24 25.88 1.33
CA TYR B 258 -11.51 24.55 0.81
C TYR B 258 -10.73 23.47 1.54
N CYS B 259 -9.45 23.71 1.80
CA CYS B 259 -8.57 22.71 2.37
C CYS B 259 -8.71 22.70 3.89
N PRO B 260 -8.92 21.55 4.50
CA PRO B 260 -8.98 21.49 5.97
C PRO B 260 -7.64 21.86 6.59
N ARG B 261 -7.72 22.34 7.84
CA ARG B 261 -6.51 22.84 8.51
C ARG B 261 -5.45 21.77 8.64
N GLU B 262 -5.85 20.52 8.86
CA GLU B 262 -4.90 19.45 9.09
C GLU B 262 -3.99 19.26 7.89
N ILE B 263 -4.52 19.42 6.68
CA ILE B 263 -3.71 19.24 5.49
C ILE B 263 -2.79 20.43 5.26
N ILE B 264 -3.26 21.65 5.57
CA ILE B 264 -2.40 22.82 5.48
C ILE B 264 -1.21 22.68 6.40
N SER B 265 -1.45 22.19 7.63
CA SER B 265 -0.34 21.92 8.54
C SER B 265 0.60 20.87 7.97
N LEU B 266 0.05 19.86 7.29
CA LEU B 266 0.88 18.80 6.74
C LEU B 266 1.79 19.32 5.63
N MET B 267 1.24 20.12 4.72
CA MET B 267 2.05 20.60 3.61
C MET B 267 3.14 21.56 4.08
N LYS B 268 2.90 22.30 5.16
CA LYS B 268 3.94 23.17 5.71
C LYS B 268 5.10 22.38 6.26
N LEU B 269 4.82 21.28 6.97
CA LEU B 269 5.89 20.40 7.41
C LEU B 269 6.67 19.83 6.24
N CYS B 270 5.95 19.42 5.19
CA CYS B 270 6.60 18.75 4.08
C CYS B 270 7.41 19.67 3.19
N TRP B 271 7.16 20.99 3.23
CA TRP B 271 7.95 21.92 2.43
C TRP B 271 8.86 22.80 3.29
N GLU B 272 9.22 22.33 4.48
CA GLU B 272 10.19 23.03 5.31
C GLU B 272 11.54 23.13 4.59
N ALA B 273 12.21 24.26 4.76
CA ALA B 273 13.47 24.51 4.05
C ALA B 273 14.53 23.48 4.44
N ASN B 274 14.55 23.06 5.70
CA ASN B 274 15.48 22.03 6.17
C ASN B 274 14.98 20.66 5.73
N PRO B 275 15.68 19.99 4.81
CA PRO B 275 15.21 18.68 4.33
C PRO B 275 14.98 17.67 5.45
N GLU B 276 15.82 17.70 6.49
CA GLU B 276 15.69 16.75 7.58
C GLU B 276 14.55 17.07 8.53
N ALA B 277 13.95 18.26 8.42
CA ALA B 277 12.75 18.57 9.17
C ALA B 277 11.49 18.04 8.48
N ARG B 278 11.60 17.57 7.24
CA ARG B 278 10.46 17.02 6.53
C ARG B 278 10.21 15.58 6.98
N PRO B 279 8.95 15.18 7.11
CA PRO B 279 8.66 13.81 7.54
C PRO B 279 8.91 12.80 6.43
N THR B 280 8.98 11.54 6.82
CA THR B 280 8.99 10.45 5.86
C THR B 280 7.58 10.17 5.37
N PHE B 281 7.48 9.50 4.23
CA PHE B 281 6.16 9.14 3.72
C PHE B 281 5.42 8.17 4.63
N PRO B 282 6.05 7.12 5.20
CA PRO B 282 5.35 6.36 6.25
C PRO B 282 4.89 7.23 7.40
N GLY B 283 5.67 8.23 7.77
CA GLY B 283 5.22 9.16 8.79
C GLY B 283 4.04 10.00 8.34
N ILE B 284 4.08 10.49 7.09
CA ILE B 284 2.95 11.22 6.54
C ILE B 284 1.70 10.34 6.53
N GLU B 285 1.85 9.09 6.11
CA GLU B 285 0.72 8.17 6.04
C GLU B 285 0.07 7.98 7.41
N GLU B 286 0.89 7.81 8.45
CA GLU B 286 0.34 7.60 9.78
C GLU B 286 -0.36 8.85 10.31
N LYS B 287 0.02 10.03 9.82
CA LYS B 287 -0.70 11.25 10.19
C LYS B 287 -1.95 11.43 9.35
N PHE B 288 -1.88 11.14 8.05
CA PHE B 288 -2.98 11.49 7.16
C PHE B 288 -4.09 10.45 7.15
N ARG B 289 -3.75 9.16 7.20
CA ARG B 289 -4.78 8.13 7.04
C ARG B 289 -5.89 8.23 8.07
N PRO B 290 -5.64 8.35 9.38
CA PRO B 290 -6.76 8.47 10.32
C PRO B 290 -7.59 9.73 10.12
N PHE B 291 -6.98 10.80 9.62
CA PHE B 291 -7.76 11.99 9.26
C PHE B 291 -8.69 11.70 8.10
N TYR B 292 -8.18 11.06 7.05
CA TYR B 292 -9.00 10.68 5.91
C TYR B 292 -10.16 9.78 6.33
N LEU B 293 -9.89 8.83 7.22
CA LEU B 293 -10.90 7.84 7.57
C LEU B 293 -12.06 8.45 8.34
N SER B 294 -11.79 9.36 9.27
CA SER B 294 -12.85 9.89 10.11
C SER B 294 -13.54 11.11 9.52
N GLN B 295 -12.87 11.86 8.65
CA GLN B 295 -13.43 13.12 8.16
C GLN B 295 -13.70 13.16 6.66
N LEU B 296 -13.01 12.35 5.85
CA LEU B 296 -13.07 12.55 4.41
C LEU B 296 -13.70 11.39 3.63
N GLU B 297 -13.39 10.14 3.98
CA GLU B 297 -13.70 8.99 3.13
C GLU B 297 -15.15 8.97 2.60
#